data_7A9M
#
_entry.id   7A9M
#
_cell.length_a   68.010
_cell.length_b   68.010
_cell.length_c   102.580
_cell.angle_alpha   90.000
_cell.angle_beta   90.000
_cell.angle_gamma   90.000
#
_symmetry.space_group_name_H-M   'P 43 21 2'
#
loop_
_entity.id
_entity.type
_entity.pdbx_description
1 polymer 'Proteinase K'
2 non-polymer 'SULFATE ION'
3 non-polymer 'Ni-substituted Keggin silicotungstate'
4 water water
#
_entity_poly.entity_id   1
_entity_poly.type   'polypeptide(L)'
_entity_poly.pdbx_seq_one_letter_code
;AAQTNAPWGLARISSTSPGTSTYYYDESAGQGSCVYVIDTGIEASHPEFEGRAQMVKTYYYSSRDGNGHGTHCAGTVGSR
TYGVAKKTQLFGVKVLDDNGSGQYSTIIAGMDFVASDKNNRNCPKGVVASLSLGGGYSSSVNSAAARLQSSGVMVAVAAG
NNNADARNYSPASEPSVCTVGASDRYDRRSSFSNYGSVLDIFGPGTDILSTWIGGSTRSISGTSMATPHVAGLAAYLMTL
GKTTAASACRYIADTANKGDLSNIPFGTVNLLAYNNYQA
;
_entity_poly.pdbx_strand_id   A
#
# COMPACT_ATOMS: atom_id res chain seq x y z
N ALA A 1 -13.37 17.07 0.93
CA ALA A 1 -12.48 17.57 2.02
C ALA A 1 -11.12 17.95 1.45
N ALA A 2 -10.47 18.91 2.08
CA ALA A 2 -9.16 19.39 1.66
C ALA A 2 -8.20 19.38 2.83
N GLN A 3 -7.04 18.77 2.64
CA GLN A 3 -5.94 18.83 3.60
C GLN A 3 -4.85 19.69 3.00
N THR A 4 -4.63 20.87 3.58
CA THR A 4 -3.59 21.73 3.03
C THR A 4 -2.21 21.27 3.50
N ASN A 5 -1.19 21.67 2.74
CA ASN A 5 0.20 21.32 3.03
C ASN A 5 0.33 19.82 3.32
N ALA A 6 -0.25 19.03 2.44
CA ALA A 6 -0.20 17.59 2.53
C ALA A 6 1.12 17.07 1.98
N PRO A 7 1.53 15.87 2.38
CA PRO A 7 2.66 15.24 1.69
C PRO A 7 2.40 15.19 0.19
N TRP A 8 3.46 15.39 -0.58
CA TRP A 8 3.28 15.51 -2.03
C TRP A 8 2.53 14.32 -2.62
N GLY A 9 2.76 13.12 -2.07
CA GLY A 9 2.14 11.93 -2.63
C GLY A 9 0.64 11.90 -2.46
N LEU A 10 0.14 12.39 -1.31
CA LEU A 10 -1.29 12.51 -1.14
C LEU A 10 -1.86 13.52 -2.13
N ALA A 11 -1.21 14.69 -2.26
CA ALA A 11 -1.68 15.67 -3.22
C ALA A 11 -1.66 15.09 -4.62
N ARG A 12 -0.64 14.28 -4.93
CA ARG A 12 -0.55 13.71 -6.28
C ARG A 12 -1.71 12.78 -6.56
N ILE A 13 -2.12 11.98 -5.58
CA ILE A 13 -3.18 10.99 -5.76
C ILE A 13 -4.53 11.63 -6.07
N SER A 14 -4.74 12.90 -5.73
CA SER A 14 -6.01 13.56 -5.99
C SER A 14 -5.88 14.66 -7.03
N SER A 15 -4.83 14.62 -7.84
CA SER A 15 -4.55 15.69 -8.80
C SER A 15 -4.33 15.14 -10.20
N THR A 16 -4.75 15.93 -11.19
CA THR A 16 -4.41 15.65 -12.57
C THR A 16 -3.02 16.14 -12.94
N SER A 17 -2.34 16.85 -12.04
CA SER A 17 -1.05 17.46 -12.32
C SER A 17 -0.12 17.28 -11.14
N PRO A 18 1.19 17.13 -11.38
CA PRO A 18 2.16 17.22 -10.28
C PRO A 18 2.31 18.66 -9.85
N GLY A 19 2.97 18.86 -8.71
CA GLY A 19 3.35 20.19 -8.27
C GLY A 19 2.33 20.93 -7.43
N THR A 20 1.36 20.23 -6.82
CA THR A 20 0.43 20.84 -5.88
C THR A 20 0.63 20.20 -4.53
N SER A 21 0.03 20.81 -3.50
CA SER A 21 0.29 20.41 -2.12
C SER A 21 -0.97 20.26 -1.28
N THR A 22 -2.15 20.22 -1.88
CA THR A 22 -3.41 20.00 -1.15
C THR A 22 -3.98 18.66 -1.57
N TYR A 23 -4.37 17.83 -0.60
CA TYR A 23 -5.00 16.54 -0.81
C TYR A 23 -6.51 16.71 -0.71
N TYR A 24 -7.23 16.28 -1.74
CA TYR A 24 -8.68 16.39 -1.78
C TYR A 24 -9.27 14.98 -1.78
N TYR A 25 -10.26 14.75 -0.92
CA TYR A 25 -10.82 13.42 -0.81
C TYR A 25 -12.22 13.49 -0.22
N ASP A 26 -13.05 12.50 -0.54
CA ASP A 26 -14.36 12.39 0.08
C ASP A 26 -14.21 12.10 1.57
N GLU A 27 -15.00 12.82 2.38
CA GLU A 27 -14.88 12.77 3.84
C GLU A 27 -15.16 11.38 4.41
N SER A 28 -15.83 10.50 3.67
CA SER A 28 -16.03 9.13 4.14
C SER A 28 -14.69 8.47 4.49
N ALA A 29 -13.65 8.76 3.72
CA ALA A 29 -12.26 8.53 4.14
C ALA A 29 -11.96 7.07 4.47
N GLY A 30 -12.59 6.13 3.77
CA GLY A 30 -12.35 4.73 4.05
C GLY A 30 -13.01 4.20 5.31
N GLN A 31 -13.90 4.97 5.92
CA GLN A 31 -14.69 4.49 7.04
C GLN A 31 -15.37 3.16 6.70
N GLY A 32 -15.29 2.19 7.61
CA GLY A 32 -15.93 0.91 7.39
C GLY A 32 -15.12 -0.10 6.62
N SER A 33 -13.95 0.27 6.14
CA SER A 33 -13.01 -0.64 5.49
C SER A 33 -11.91 -1.01 6.47
N CYS A 34 -11.14 -2.04 6.09
CA CYS A 34 -10.00 -2.50 6.87
C CYS A 34 -8.80 -2.70 5.96
N VAL A 35 -7.63 -2.29 6.43
CA VAL A 35 -6.40 -2.54 5.70
C VAL A 35 -5.43 -3.27 6.62
N TYR A 36 -5.00 -4.45 6.20
CA TYR A 36 -3.96 -5.20 6.85
C TYR A 36 -2.61 -4.75 6.33
N VAL A 37 -1.69 -4.41 7.22
CA VAL A 37 -0.34 -4.03 6.86
C VAL A 37 0.56 -5.16 7.32
N ILE A 38 1.05 -5.94 6.35
CA ILE A 38 1.80 -7.16 6.60
C ILE A 38 3.27 -6.78 6.47
N ASP A 39 3.95 -6.63 7.61
CA ASP A 39 5.22 -5.92 7.61
C ASP A 39 5.96 -6.12 8.92
N THR A 40 6.67 -5.10 9.41
CA THR A 40 7.42 -5.20 10.66
C THR A 40 6.57 -4.90 11.89
N GLY A 41 5.26 -4.71 11.72
CA GLY A 41 4.39 -4.29 12.79
C GLY A 41 3.94 -2.85 12.60
N ILE A 42 3.18 -2.37 13.59
CA ILE A 42 2.68 -1.00 13.63
C ILE A 42 2.80 -0.50 15.06
N GLU A 43 3.38 0.70 15.23
CA GLU A 43 3.35 1.39 16.52
C GLU A 43 1.97 2.03 16.67
N ALA A 44 1.02 1.21 17.12
CA ALA A 44 -0.38 1.61 17.17
C ALA A 44 -0.67 2.76 18.13
N SER A 45 0.21 3.00 19.12
CA SER A 45 0.02 4.11 20.04
C SER A 45 0.37 5.47 19.43
N HIS A 46 0.91 5.51 18.22
CA HIS A 46 1.24 6.77 17.59
C HIS A 46 -0.02 7.64 17.52
N PRO A 47 0.04 8.89 17.97
CA PRO A 47 -1.17 9.72 17.94
C PRO A 47 -1.78 9.83 16.56
N GLU A 48 -0.95 9.68 15.52
CA GLU A 48 -1.43 9.79 14.15
C GLU A 48 -2.42 8.70 13.77
N PHE A 49 -2.49 7.60 14.52
CA PHE A 49 -3.42 6.53 14.19
C PHE A 49 -4.75 6.66 14.93
N GLU A 50 -4.82 7.47 16.00
CA GLU A 50 -6.09 7.85 16.60
C GLU A 50 -6.87 6.66 17.15
N GLY A 51 -6.18 5.60 17.55
CA GLY A 51 -6.84 4.42 18.06
C GLY A 51 -7.36 3.48 17.00
N ARG A 52 -7.19 3.81 15.73
CA ARG A 52 -7.70 3.00 14.62
C ARG A 52 -6.73 1.91 14.18
N ALA A 53 -5.54 1.81 14.77
CA ALA A 53 -4.59 0.76 14.46
C ALA A 53 -4.45 -0.23 15.60
N GLN A 54 -4.26 -1.50 15.26
CA GLN A 54 -4.03 -2.53 16.26
C GLN A 54 -3.19 -3.63 15.64
N MET A 55 -2.36 -4.25 16.47
CA MET A 55 -1.66 -5.47 16.09
C MET A 55 -2.59 -6.67 16.27
N VAL A 56 -2.68 -7.53 15.26
CA VAL A 56 -3.51 -8.72 15.34
C VAL A 56 -2.70 -10.02 15.30
N LYS A 57 -1.43 -9.99 14.88
CA LYS A 57 -0.63 -11.19 14.77
C LYS A 57 0.85 -10.83 14.72
N THR A 58 1.66 -11.64 15.40
CA THR A 58 3.11 -11.62 15.21
C THR A 58 3.63 -13.05 15.20
N TYR A 59 4.76 -13.24 14.52
CA TYR A 59 5.45 -14.52 14.51
C TYR A 59 6.74 -14.47 15.29
N TYR A 60 6.98 -13.39 16.03
CA TYR A 60 8.20 -13.14 16.79
C TYR A 60 7.86 -12.91 18.27
N TYR A 61 8.89 -12.63 19.07
CA TYR A 61 8.69 -12.50 20.51
C TYR A 61 7.87 -11.27 20.88
N SER A 62 7.69 -10.34 19.96
CA SER A 62 6.91 -9.14 20.24
C SER A 62 6.11 -8.79 19.00
N SER A 63 5.03 -8.06 19.21
CA SER A 63 4.25 -7.45 18.15
C SER A 63 4.70 -6.03 17.86
N ARG A 64 5.63 -5.51 18.66
CA ARG A 64 6.12 -4.15 18.48
C ARG A 64 6.87 -4.00 17.17
N ASP A 65 6.67 -2.87 16.51
CA ASP A 65 7.50 -2.47 15.37
C ASP A 65 8.80 -1.90 15.91
N GLY A 66 9.85 -2.71 15.92
CA GLY A 66 11.16 -2.25 16.32
C GLY A 66 12.00 -1.72 15.19
N ASN A 67 11.42 -1.59 14.01
CA ASN A 67 12.12 -1.12 12.83
C ASN A 67 11.67 0.26 12.37
N GLY A 68 10.36 0.46 12.19
CA GLY A 68 9.80 1.69 11.65
C GLY A 68 9.11 1.50 10.30
N HIS A 69 9.62 0.56 9.49
CA HIS A 69 9.11 0.37 8.14
C HIS A 69 7.60 0.14 8.13
N GLY A 70 7.12 -0.78 8.96
CA GLY A 70 5.69 -1.09 8.96
C GLY A 70 4.85 0.07 9.45
N THR A 71 5.37 0.83 10.42
CA THR A 71 4.66 2.00 10.91
C THR A 71 4.57 3.07 9.84
N HIS A 72 5.64 3.25 9.07
CA HIS A 72 5.63 4.20 7.97
C HIS A 72 4.60 3.81 6.92
N CYS A 73 4.59 2.54 6.51
CA CYS A 73 3.63 2.09 5.51
C CYS A 73 2.20 2.21 6.02
N ALA A 74 1.95 1.80 7.27
CA ALA A 74 0.60 1.96 7.82
C ALA A 74 0.20 3.41 7.87
N GLY A 75 1.16 4.32 8.09
CA GLY A 75 0.84 5.73 8.12
C GLY A 75 0.40 6.27 6.77
N THR A 76 1.02 5.78 5.70
CA THR A 76 0.59 6.15 4.36
C THR A 76 -0.80 5.60 4.03
N VAL A 77 -1.14 4.41 4.56
CA VAL A 77 -2.49 3.88 4.34
C VAL A 77 -3.52 4.77 5.01
N GLY A 78 -3.31 5.09 6.29
CA GLY A 78 -4.43 5.56 7.10
C GLY A 78 -4.16 6.48 8.28
N SER A 79 -2.96 7.03 8.43
CA SER A 79 -2.77 8.03 9.48
C SER A 79 -3.51 9.32 9.14
N ARG A 80 -3.83 10.09 10.18
CA ARG A 80 -4.63 11.29 10.02
C ARG A 80 -3.97 12.31 9.09
N THR A 81 -2.66 12.54 9.25
CA THR A 81 -1.95 13.52 8.43
C THR A 81 -1.33 12.90 7.18
N TYR A 82 -0.76 11.70 7.28
CA TYR A 82 0.04 11.17 6.18
C TYR A 82 -0.68 10.10 5.38
N GLY A 83 -1.95 9.81 5.70
CA GLY A 83 -2.65 8.68 5.14
C GLY A 83 -3.65 9.04 4.04
N VAL A 84 -3.81 8.09 3.12
CA VAL A 84 -4.78 8.20 2.05
C VAL A 84 -6.21 8.03 2.56
N ALA A 85 -6.44 7.05 3.44
CA ALA A 85 -7.78 6.67 3.89
C ALA A 85 -7.79 6.90 5.40
N LYS A 86 -8.16 8.11 5.79
CA LYS A 86 -7.91 8.61 7.13
C LYS A 86 -8.88 8.08 8.16
N LYS A 87 -9.88 7.28 7.77
CA LYS A 87 -10.79 6.67 8.73
C LYS A 87 -10.85 5.16 8.61
N THR A 88 -9.94 4.53 7.86
CA THR A 88 -9.92 3.07 7.81
C THR A 88 -9.42 2.50 9.12
N GLN A 89 -9.70 1.21 9.30
CA GLN A 89 -9.17 0.42 10.41
C GLN A 89 -7.91 -0.28 9.93
N LEU A 90 -6.83 -0.15 10.68
CA LEU A 90 -5.53 -0.71 10.33
C LEU A 90 -5.24 -1.91 11.22
N PHE A 91 -4.87 -3.03 10.59
CA PHE A 91 -4.50 -4.26 11.30
C PHE A 91 -3.06 -4.61 10.97
N GLY A 92 -2.23 -4.74 12.00
CA GLY A 92 -0.84 -5.10 11.79
C GLY A 92 -0.59 -6.58 11.91
N VAL A 93 0.17 -7.13 10.96
CA VAL A 93 0.59 -8.53 10.94
C VAL A 93 2.12 -8.53 10.81
N LYS A 94 2.83 -8.90 11.88
CA LYS A 94 4.28 -8.79 11.91
C LYS A 94 4.90 -10.07 11.38
N VAL A 95 5.18 -10.08 10.08
CA VAL A 95 5.90 -11.18 9.44
C VAL A 95 7.38 -10.87 9.26
N LEU A 96 7.79 -9.63 9.45
CA LEU A 96 9.18 -9.23 9.32
C LEU A 96 9.72 -8.89 10.70
N ASP A 97 10.96 -9.32 10.96
CA ASP A 97 11.60 -8.98 12.22
C ASP A 97 12.04 -7.52 12.22
N ASP A 98 12.66 -7.10 13.33
CA ASP A 98 12.99 -5.69 13.48
C ASP A 98 14.18 -5.28 12.62
N ASN A 99 14.84 -6.21 11.94
CA ASN A 99 15.79 -5.87 10.89
C ASN A 99 15.13 -5.77 9.52
N GLY A 100 13.83 -6.02 9.43
CA GLY A 100 13.12 -5.97 8.16
C GLY A 100 13.19 -7.22 7.34
N SER A 101 13.63 -8.35 7.91
CA SER A 101 13.74 -9.61 7.21
C SER A 101 12.69 -10.59 7.71
N GLY A 102 12.35 -11.55 6.85
CA GLY A 102 11.43 -12.61 7.21
C GLY A 102 11.54 -13.79 6.27
N GLN A 103 11.41 -14.99 6.81
CA GLN A 103 11.41 -16.18 5.97
C GLN A 103 10.13 -16.25 5.15
N TYR A 104 10.26 -16.77 3.93
CA TYR A 104 9.08 -16.87 3.08
C TYR A 104 7.98 -17.71 3.73
N SER A 105 8.33 -18.71 4.53
CA SER A 105 7.30 -19.51 5.16
C SER A 105 6.49 -18.71 6.16
N THR A 106 7.12 -17.74 6.82
CA THR A 106 6.38 -16.87 7.73
C THR A 106 5.52 -15.88 6.96
N ILE A 107 6.05 -15.35 5.86
CA ILE A 107 5.27 -14.43 5.02
C ILE A 107 4.03 -15.15 4.47
N ILE A 108 4.21 -16.41 4.04
CA ILE A 108 3.09 -17.19 3.53
C ILE A 108 2.04 -17.37 4.62
N ALA A 109 2.49 -17.78 5.81
CA ALA A 109 1.57 -17.97 6.93
C ALA A 109 0.81 -16.69 7.23
N GLY A 110 1.48 -15.54 7.19
CA GLY A 110 0.80 -14.28 7.45
C GLY A 110 -0.27 -13.97 6.43
N MET A 111 0.00 -14.27 5.15
CA MET A 111 -1.01 -14.07 4.13
C MET A 111 -2.21 -14.98 4.37
N ASP A 112 -1.97 -16.25 4.66
CA ASP A 112 -3.12 -17.11 4.92
C ASP A 112 -3.83 -16.72 6.21
N PHE A 113 -3.10 -16.18 7.18
CA PHE A 113 -3.73 -15.64 8.37
C PHE A 113 -4.75 -14.56 8.02
N VAL A 114 -4.36 -13.59 7.20
CA VAL A 114 -5.26 -12.49 6.89
C VAL A 114 -6.50 -13.02 6.18
N ALA A 115 -6.34 -13.98 5.27
CA ALA A 115 -7.47 -14.50 4.52
C ALA A 115 -8.53 -15.06 5.46
N SER A 116 -8.11 -15.68 6.55
CA SER A 116 -9.03 -16.19 7.55
C SER A 116 -9.42 -15.13 8.56
N ASP A 117 -8.45 -14.31 8.99
CA ASP A 117 -8.70 -13.39 10.08
C ASP A 117 -9.72 -12.33 9.73
N LYS A 118 -9.86 -11.98 8.45
CA LYS A 118 -10.84 -10.96 8.10
C LYS A 118 -12.24 -11.37 8.56
N ASN A 119 -12.49 -12.68 8.67
CA ASN A 119 -13.78 -13.15 9.16
C ASN A 119 -13.95 -12.92 10.65
N ASN A 120 -12.92 -12.46 11.35
CA ASN A 120 -13.00 -12.08 12.75
C ASN A 120 -13.09 -10.58 12.95
N ARG A 121 -13.15 -9.79 11.88
CA ARG A 121 -13.15 -8.35 11.93
C ARG A 121 -14.40 -7.78 11.29
N ASN A 122 -14.71 -6.53 11.63
CA ASN A 122 -15.85 -5.83 11.05
C ASN A 122 -15.36 -4.86 9.98
N CYS A 123 -15.64 -5.23 8.73
CA CYS A 123 -15.13 -4.51 7.55
C CYS A 123 -16.22 -4.47 6.50
N PRO A 124 -17.36 -3.85 6.82
CA PRO A 124 -18.52 -3.93 5.91
C PRO A 124 -18.25 -3.38 4.53
N LYS A 125 -17.29 -2.45 4.39
CA LYS A 125 -16.97 -1.88 3.09
C LYS A 125 -15.85 -2.60 2.36
N GLY A 126 -15.23 -3.61 2.96
CA GLY A 126 -14.26 -4.41 2.28
C GLY A 126 -12.90 -4.41 2.97
N VAL A 127 -12.05 -5.32 2.50
CA VAL A 127 -10.77 -5.62 3.13
C VAL A 127 -9.64 -5.51 2.11
N VAL A 128 -8.54 -4.91 2.55
CA VAL A 128 -7.35 -4.68 1.75
C VAL A 128 -6.15 -5.26 2.50
N ALA A 129 -5.14 -5.71 1.76
CA ALA A 129 -3.88 -6.14 2.33
C ALA A 129 -2.74 -5.43 1.59
N SER A 130 -1.84 -4.84 2.35
CA SER A 130 -0.70 -4.11 1.81
C SER A 130 0.59 -4.85 2.17
N LEU A 131 1.35 -5.24 1.14
CA LEU A 131 2.57 -6.04 1.29
C LEU A 131 3.75 -5.29 0.68
N SER A 132 4.39 -4.47 1.52
CA SER A 132 5.60 -3.74 1.12
C SER A 132 6.83 -4.61 1.43
N LEU A 133 6.93 -5.71 0.69
CA LEU A 133 8.00 -6.67 0.93
C LEU A 133 8.13 -7.56 -0.29
N GLY A 134 9.22 -8.28 -0.34
CA GLY A 134 9.42 -9.21 -1.44
C GLY A 134 10.84 -9.76 -1.44
N GLY A 135 11.02 -10.75 -2.29
CA GLY A 135 12.31 -11.32 -2.55
C GLY A 135 12.32 -11.95 -3.92
N GLY A 136 13.22 -12.91 -4.10
CA GLY A 136 13.31 -13.61 -5.37
C GLY A 136 12.06 -14.42 -5.67
N TYR A 137 11.91 -14.77 -6.95
CA TYR A 137 10.74 -15.51 -7.39
C TYR A 137 10.50 -16.75 -6.53
N SER A 138 9.26 -16.91 -6.10
CA SER A 138 8.80 -18.10 -5.38
C SER A 138 7.37 -18.39 -5.78
N SER A 139 7.13 -19.55 -6.39
CA SER A 139 5.77 -19.92 -6.73
C SER A 139 4.90 -20.07 -5.49
N SER A 140 5.46 -20.52 -4.37
CA SER A 140 4.66 -20.69 -3.17
C SER A 140 4.25 -19.34 -2.58
N VAL A 141 5.14 -18.35 -2.64
CA VAL A 141 4.80 -17.01 -2.17
C VAL A 141 3.75 -16.39 -3.06
N ASN A 142 3.90 -16.56 -4.39
CA ASN A 142 2.89 -16.03 -5.30
C ASN A 142 1.55 -16.69 -5.07
N SER A 143 1.55 -18.02 -4.87
CA SER A 143 0.29 -18.72 -4.65
C SER A 143 -0.39 -18.22 -3.39
N ALA A 144 0.39 -17.94 -2.34
CA ALA A 144 -0.20 -17.39 -1.12
C ALA A 144 -0.88 -16.06 -1.40
N ALA A 145 -0.25 -15.20 -2.19
CA ALA A 145 -0.86 -13.91 -2.49
C ALA A 145 -2.09 -14.09 -3.36
N ALA A 146 -2.04 -15.05 -4.27
CA ALA A 146 -3.21 -15.37 -5.08
C ALA A 146 -4.37 -15.86 -4.22
N ARG A 147 -4.10 -16.74 -3.25
CA ARG A 147 -5.17 -17.18 -2.35
C ARG A 147 -5.77 -16.02 -1.59
N LEU A 148 -4.93 -15.16 -1.04
CA LEU A 148 -5.42 -14.03 -0.27
C LEU A 148 -6.36 -13.17 -1.13
N GLN A 149 -5.95 -12.88 -2.36
CA GLN A 149 -6.80 -12.14 -3.29
C GLN A 149 -8.10 -12.89 -3.57
N SER A 150 -7.97 -14.18 -3.90
CA SER A 150 -9.15 -14.99 -4.20
C SER A 150 -10.15 -14.98 -3.05
N SER A 151 -9.65 -14.92 -1.81
CA SER A 151 -10.52 -14.99 -0.63
C SER A 151 -11.36 -13.73 -0.44
N GLY A 152 -11.13 -12.69 -1.21
CA GLY A 152 -11.91 -11.48 -1.12
C GLY A 152 -11.17 -10.29 -0.54
N VAL A 153 -9.85 -10.26 -0.63
CA VAL A 153 -9.03 -9.17 -0.13
C VAL A 153 -8.34 -8.51 -1.31
N MET A 154 -8.40 -7.18 -1.37
CA MET A 154 -7.63 -6.44 -2.37
C MET A 154 -6.17 -6.48 -1.96
N VAL A 155 -5.35 -7.25 -2.68
CA VAL A 155 -3.95 -7.40 -2.33
C VAL A 155 -3.13 -6.44 -3.17
N ALA A 156 -2.36 -5.59 -2.50
CA ALA A 156 -1.44 -4.66 -3.14
C ALA A 156 -0.04 -5.02 -2.69
N VAL A 157 0.88 -5.18 -3.64
CA VAL A 157 2.25 -5.60 -3.35
C VAL A 157 3.25 -4.67 -4.03
N ALA A 158 4.39 -4.48 -3.38
CA ALA A 158 5.47 -3.69 -3.95
C ALA A 158 6.13 -4.39 -5.12
N ALA A 159 6.43 -3.61 -6.17
CA ALA A 159 7.08 -4.17 -7.35
C ALA A 159 8.52 -4.57 -7.06
N GLY A 160 9.16 -3.91 -6.11
CA GLY A 160 10.57 -4.12 -5.78
C GLY A 160 11.42 -2.92 -6.20
N ASN A 161 12.60 -2.83 -5.57
CA ASN A 161 13.51 -1.70 -5.69
C ASN A 161 14.81 -2.05 -6.41
N ASN A 162 14.73 -2.93 -7.40
CA ASN A 162 15.90 -3.46 -8.09
C ASN A 162 16.18 -2.77 -9.43
N ASN A 163 15.34 -1.83 -9.84
CA ASN A 163 15.42 -1.22 -11.17
C ASN A 163 15.53 -2.29 -12.24
N ALA A 164 14.65 -3.28 -12.13
CA ALA A 164 14.66 -4.44 -13.00
C ALA A 164 13.24 -4.91 -13.22
N ASP A 165 13.11 -5.92 -14.08
CA ASP A 165 11.79 -6.48 -14.36
C ASP A 165 11.27 -7.25 -13.16
N ALA A 166 10.06 -6.89 -12.72
CA ALA A 166 9.48 -7.49 -11.53
C ALA A 166 9.13 -8.96 -11.73
N ARG A 167 9.24 -9.50 -12.94
CA ARG A 167 8.90 -10.90 -13.17
C ARG A 167 9.75 -11.85 -12.33
N ASN A 168 10.91 -11.41 -11.85
CA ASN A 168 11.81 -12.28 -11.11
C ASN A 168 11.73 -12.09 -9.60
N TYR A 169 10.66 -11.44 -9.11
CA TYR A 169 10.49 -11.16 -7.69
C TYR A 169 9.09 -11.56 -7.24
N SER A 170 8.97 -11.94 -5.97
CA SER A 170 7.70 -12.39 -5.41
C SER A 170 7.44 -11.67 -4.09
N PRO A 171 6.17 -11.35 -3.80
CA PRO A 171 4.96 -11.63 -4.58
C PRO A 171 4.70 -10.70 -5.77
N ALA A 172 5.66 -9.83 -6.09
CA ALA A 172 5.46 -8.85 -7.18
C ALA A 172 5.00 -9.50 -8.47
N SER A 173 5.53 -10.69 -8.79
CA SER A 173 5.24 -11.31 -10.07
C SER A 173 3.94 -12.10 -10.11
N GLU A 174 3.18 -12.18 -9.03
CA GLU A 174 1.91 -12.88 -9.07
C GLU A 174 0.91 -12.06 -9.89
N PRO A 175 0.36 -12.60 -10.98
CA PRO A 175 -0.48 -11.76 -11.85
C PRO A 175 -1.77 -11.27 -11.21
N SER A 176 -2.37 -12.04 -10.32
CA SER A 176 -3.72 -11.73 -9.84
C SER A 176 -3.77 -10.69 -8.74
N VAL A 177 -2.62 -10.23 -8.24
CA VAL A 177 -2.62 -9.16 -7.23
C VAL A 177 -2.28 -7.83 -7.89
N CYS A 178 -2.26 -6.75 -7.11
CA CYS A 178 -2.00 -5.41 -7.64
C CYS A 178 -0.54 -5.06 -7.37
N THR A 179 0.28 -5.09 -8.42
CA THR A 179 1.71 -4.88 -8.29
C THR A 179 2.02 -3.40 -8.57
N VAL A 180 2.69 -2.75 -7.61
CA VAL A 180 2.77 -1.29 -7.55
C VAL A 180 4.21 -0.84 -7.72
N GLY A 181 4.47 -0.03 -8.77
CA GLY A 181 5.74 0.65 -8.92
C GLY A 181 5.72 2.03 -8.28
N ALA A 182 6.87 2.69 -8.30
CA ALA A 182 7.06 3.95 -7.59
C ALA A 182 7.40 5.09 -8.54
N SER A 183 6.83 6.26 -8.27
CA SER A 183 7.15 7.49 -9.00
C SER A 183 7.60 8.57 -8.03
N ASP A 184 8.17 9.65 -8.58
CA ASP A 184 8.63 10.78 -7.77
C ASP A 184 7.79 12.04 -8.05
N ARG A 185 8.11 13.11 -7.32
CA ARG A 185 7.26 14.29 -7.30
C ARG A 185 7.25 15.02 -8.62
N TYR A 186 8.17 14.69 -9.52
CA TYR A 186 8.19 15.27 -10.87
C TYR A 186 7.61 14.32 -11.90
N ASP A 187 6.88 13.30 -11.45
CA ASP A 187 6.24 12.32 -12.32
C ASP A 187 7.28 11.53 -13.13
N ARG A 188 8.45 11.31 -12.57
CA ARG A 188 9.41 10.39 -13.15
C ARG A 188 9.30 9.04 -12.46
N ARG A 189 9.52 7.96 -13.21
CA ARG A 189 9.72 6.68 -12.56
C ARG A 189 10.81 6.81 -11.50
N SER A 190 10.53 6.31 -10.30
CA SER A 190 11.55 6.33 -9.27
C SER A 190 12.77 5.54 -9.75
N SER A 191 13.96 6.01 -9.41
CA SER A 191 15.18 5.45 -10.01
C SER A 191 15.36 3.99 -9.67
N PHE A 192 14.86 3.58 -8.51
CA PHE A 192 14.96 2.21 -8.00
C PHE A 192 13.79 1.33 -8.39
N SER A 193 12.72 1.89 -8.96
CA SER A 193 11.49 1.11 -9.12
C SER A 193 11.65 0.00 -10.15
N ASN A 194 11.25 -1.20 -9.77
CA ASN A 194 11.09 -2.24 -10.77
C ASN A 194 9.98 -1.85 -11.76
N TYR A 195 9.97 -2.56 -12.88
CA TYR A 195 9.07 -2.30 -13.99
C TYR A 195 8.71 -3.65 -14.62
N GLY A 196 8.05 -3.60 -15.77
CA GLY A 196 7.69 -4.80 -16.49
C GLY A 196 6.18 -4.93 -16.67
N SER A 197 5.83 -5.91 -17.51
CA SER A 197 4.43 -6.17 -17.84
C SER A 197 3.58 -6.50 -16.64
N VAL A 198 4.17 -7.05 -15.57
CA VAL A 198 3.35 -7.46 -14.43
C VAL A 198 2.93 -6.28 -13.56
N LEU A 199 3.56 -5.12 -13.69
CA LEU A 199 3.08 -3.95 -12.95
C LEU A 199 1.66 -3.60 -13.39
N ASP A 200 0.84 -3.22 -12.42
CA ASP A 200 -0.52 -2.78 -12.67
C ASP A 200 -0.66 -1.27 -12.59
N ILE A 201 0.18 -0.60 -11.81
CA ILE A 201 -0.07 0.78 -11.40
C ILE A 201 1.20 1.32 -10.78
N PHE A 202 1.35 2.63 -10.80
CA PHE A 202 2.37 3.37 -10.07
C PHE A 202 1.72 4.21 -8.99
N GLY A 203 2.44 4.37 -7.88
CA GLY A 203 2.10 5.31 -6.85
C GLY A 203 3.31 6.09 -6.37
N PRO A 204 3.08 7.19 -5.64
CA PRO A 204 4.19 7.98 -5.11
C PRO A 204 5.10 7.15 -4.21
N GLY A 205 6.40 7.16 -4.51
CA GLY A 205 7.35 6.34 -3.78
C GLY A 205 8.68 6.98 -3.43
N THR A 206 9.01 8.15 -3.98
CA THR A 206 10.26 8.81 -3.65
C THR A 206 9.99 9.94 -2.68
N ASP A 207 10.69 9.95 -1.56
CA ASP A 207 10.59 10.97 -0.56
C ASP A 207 9.18 11.18 0.03
N ILE A 208 8.72 10.08 0.66
CA ILE A 208 7.37 10.00 1.22
C ILE A 208 7.44 10.17 2.73
N LEU A 209 6.83 11.26 3.22
CA LEU A 209 6.73 11.53 4.65
C LEU A 209 5.58 10.75 5.26
N SER A 210 5.84 10.13 6.42
CA SER A 210 4.84 9.35 7.12
C SER A 210 5.32 9.11 8.55
N THR A 211 4.52 8.35 9.30
CA THR A 211 4.81 8.04 10.69
C THR A 211 6.05 7.16 10.82
N TRP A 212 6.70 7.28 11.98
CA TRP A 212 7.84 6.45 12.33
C TRP A 212 7.72 6.09 13.81
N ILE A 213 8.52 5.13 14.24
CA ILE A 213 8.43 4.69 15.63
C ILE A 213 8.99 5.75 16.56
N GLY A 214 8.72 5.59 17.85
CA GLY A 214 9.02 6.63 18.81
C GLY A 214 8.12 7.84 18.69
N GLY A 215 6.93 7.66 18.12
CA GLY A 215 6.00 8.76 17.94
C GLY A 215 6.52 9.85 17.02
N SER A 216 7.31 9.50 16.02
CA SER A 216 7.97 10.49 15.17
C SER A 216 7.45 10.40 13.73
N THR A 217 8.16 11.07 12.83
CA THR A 217 7.89 11.05 11.40
C THR A 217 9.21 11.08 10.65
N ARG A 218 9.20 10.56 9.43
CA ARG A 218 10.35 10.73 8.56
C ARG A 218 9.93 10.43 7.12
N SER A 219 10.81 10.83 6.21
CA SER A 219 10.62 10.64 4.78
C SER A 219 11.60 9.58 4.29
N ILE A 220 11.08 8.55 3.62
CA ILE A 220 11.91 7.52 3.01
C ILE A 220 11.33 7.20 1.63
N SER A 221 12.04 6.35 0.89
CA SER A 221 11.74 6.09 -0.51
C SER A 221 11.75 4.59 -0.78
N GLY A 222 10.83 4.14 -1.62
CA GLY A 222 10.80 2.76 -2.07
C GLY A 222 9.47 2.42 -2.68
N THR A 223 9.43 1.31 -3.41
CA THR A 223 8.13 0.77 -3.79
C THR A 223 7.33 0.36 -2.58
N SER A 224 7.99 0.19 -1.42
CA SER A 224 7.28 -0.01 -0.17
C SER A 224 6.38 1.18 0.16
N MET A 225 6.75 2.38 -0.28
CA MET A 225 6.00 3.59 0.03
C MET A 225 4.86 3.80 -0.97
N ALA A 226 5.04 3.32 -2.19
CA ALA A 226 4.00 3.46 -3.21
C ALA A 226 2.85 2.50 -2.94
N THR A 227 3.16 1.30 -2.48
CA THR A 227 2.16 0.27 -2.27
C THR A 227 1.06 0.71 -1.30
N PRO A 228 1.37 1.29 -0.14
CA PRO A 228 0.29 1.72 0.76
C PRO A 228 -0.54 2.88 0.21
N HIS A 229 -0.02 3.68 -0.72
CA HIS A 229 -0.87 4.66 -1.38
C HIS A 229 -1.99 3.96 -2.12
N VAL A 230 -1.66 2.88 -2.84
CA VAL A 230 -2.66 2.13 -3.59
C VAL A 230 -3.57 1.35 -2.66
N ALA A 231 -3.01 0.72 -1.63
CA ALA A 231 -3.85 0.01 -0.65
C ALA A 231 -4.85 0.96 -0.02
N GLY A 232 -4.40 2.14 0.41
CA GLY A 232 -5.31 3.11 0.99
C GLY A 232 -6.34 3.61 -0.01
N LEU A 233 -5.91 3.83 -1.26
CA LEU A 233 -6.84 4.26 -2.29
C LEU A 233 -7.92 3.21 -2.51
N ALA A 234 -7.54 1.94 -2.59
CA ALA A 234 -8.53 0.86 -2.73
C ALA A 234 -9.55 0.91 -1.60
N ALA A 235 -9.08 1.04 -0.36
CA ALA A 235 -10.00 1.09 0.78
C ALA A 235 -10.95 2.28 0.65
N TYR A 236 -10.40 3.44 0.28
CA TYR A 236 -11.19 4.64 0.10
C TYR A 236 -12.26 4.44 -0.97
N LEU A 237 -11.89 3.84 -2.10
CA LEU A 237 -12.84 3.65 -3.20
C LEU A 237 -13.89 2.59 -2.85
N MET A 238 -13.50 1.56 -2.10
CA MET A 238 -14.46 0.54 -1.67
C MET A 238 -15.48 1.13 -0.70
N THR A 239 -15.04 1.98 0.22
CA THR A 239 -15.97 2.66 1.11
C THR A 239 -16.96 3.49 0.31
N LEU A 240 -16.50 4.11 -0.78
CA LEU A 240 -17.38 4.90 -1.62
C LEU A 240 -18.29 4.05 -2.48
N GLY A 241 -18.12 2.74 -2.48
CA GLY A 241 -18.93 1.86 -3.31
C GLY A 241 -18.58 1.89 -4.79
N LYS A 242 -17.41 2.41 -5.14
CA LYS A 242 -17.02 2.51 -6.55
C LYS A 242 -16.44 1.23 -7.10
N THR A 243 -15.97 0.34 -6.23
CA THR A 243 -15.36 -0.89 -6.70
C THR A 243 -15.39 -1.90 -5.56
N THR A 244 -14.87 -3.08 -5.84
CA THR A 244 -14.86 -4.21 -4.91
C THR A 244 -13.43 -4.69 -4.73
N ALA A 245 -13.23 -5.57 -3.75
CA ALA A 245 -11.87 -6.09 -3.54
C ALA A 245 -11.39 -6.85 -4.77
N ALA A 246 -12.29 -7.55 -5.46
CA ALA A 246 -11.88 -8.35 -6.60
C ALA A 246 -11.48 -7.48 -7.78
N SER A 247 -12.06 -6.29 -7.89
CA SER A 247 -11.89 -5.49 -9.09
C SER A 247 -11.17 -4.18 -8.84
N ALA A 248 -10.74 -3.91 -7.60
CA ALA A 248 -10.20 -2.59 -7.27
C ALA A 248 -8.94 -2.27 -8.06
N CYS A 249 -8.04 -3.26 -8.23
CA CYS A 249 -6.81 -2.99 -8.97
C CYS A 249 -7.14 -2.58 -10.40
N ARG A 250 -8.04 -3.33 -11.04
CA ARG A 250 -8.44 -3.02 -12.41
C ARG A 250 -9.14 -1.66 -12.48
N TYR A 251 -9.96 -1.34 -11.49
CA TYR A 251 -10.64 -0.05 -11.44
C TYR A 251 -9.63 1.09 -11.28
N ILE A 252 -8.63 0.90 -10.41
CA ILE A 252 -7.62 1.93 -10.22
C ILE A 252 -6.84 2.15 -11.52
N ALA A 253 -6.50 1.07 -12.24
CA ALA A 253 -5.85 1.22 -13.53
C ALA A 253 -6.76 1.92 -14.53
N ASP A 254 -8.04 1.56 -14.54
CA ASP A 254 -8.98 2.16 -15.49
C ASP A 254 -9.12 3.66 -15.28
N THR A 255 -9.05 4.12 -14.03
CA THR A 255 -9.28 5.51 -13.68
C THR A 255 -8.00 6.28 -13.38
N ALA A 256 -6.85 5.67 -13.64
CA ALA A 256 -5.56 6.28 -13.33
C ALA A 256 -5.30 7.48 -14.23
N ASN A 257 -4.36 8.32 -13.80
CA ASN A 257 -3.76 9.29 -14.70
C ASN A 257 -2.89 8.54 -15.70
N LYS A 258 -3.15 8.73 -17.00
CA LYS A 258 -2.55 7.93 -18.06
C LYS A 258 -1.50 8.75 -18.81
N GLY A 259 -0.33 8.16 -19.02
CA GLY A 259 0.68 8.75 -19.88
C GLY A 259 1.41 9.94 -19.30
N ASP A 260 1.37 10.13 -17.98
CA ASP A 260 1.97 11.30 -17.34
C ASP A 260 3.38 11.05 -16.82
N LEU A 261 3.81 9.80 -16.73
CA LEU A 261 5.11 9.47 -16.15
C LEU A 261 6.19 9.37 -17.23
N SER A 262 7.39 9.78 -16.85
CA SER A 262 8.55 9.68 -17.71
C SER A 262 9.45 8.50 -17.28
N ASN A 263 10.29 8.08 -18.22
CA ASN A 263 11.21 6.96 -18.05
C ASN A 263 10.48 5.68 -17.68
N ILE A 264 9.31 5.49 -18.26
CA ILE A 264 8.58 4.22 -18.18
C ILE A 264 9.06 3.34 -19.33
N PRO A 265 9.66 2.19 -19.06
CA PRO A 265 10.14 1.35 -20.15
C PRO A 265 9.03 0.86 -21.07
N PHE A 266 9.37 0.71 -22.34
CA PHE A 266 8.46 0.11 -23.30
C PHE A 266 7.94 -1.20 -22.74
N GLY A 267 6.61 -1.36 -22.73
CA GLY A 267 5.97 -2.56 -22.24
C GLY A 267 5.46 -2.48 -20.81
N THR A 268 5.78 -1.41 -20.09
CA THR A 268 5.30 -1.17 -18.75
C THR A 268 4.17 -0.15 -18.78
N VAL A 269 3.13 -0.35 -17.95
CA VAL A 269 2.00 0.57 -17.94
C VAL A 269 2.46 1.96 -17.51
N ASN A 270 1.86 2.99 -18.11
CA ASN A 270 2.09 4.37 -17.72
C ASN A 270 0.81 4.87 -17.06
N LEU A 271 0.61 4.44 -15.82
CA LEU A 271 -0.63 4.66 -15.08
C LEU A 271 -0.26 5.03 -13.66
N LEU A 272 -0.80 6.16 -13.20
CA LEU A 272 -0.49 6.71 -11.89
C LEU A 272 -1.78 6.78 -11.07
N ALA A 273 -1.76 6.19 -9.88
CA ALA A 273 -2.97 6.10 -9.07
C ALA A 273 -3.59 7.47 -8.83
N TYR A 274 -4.92 7.53 -8.90
CA TYR A 274 -5.68 8.77 -8.94
C TYR A 274 -7.09 8.52 -8.39
N ASN A 275 -7.54 9.33 -7.44
CA ASN A 275 -8.84 9.09 -6.82
C ASN A 275 -10.00 9.71 -7.57
N ASN A 276 -9.72 10.51 -8.60
CA ASN A 276 -10.76 11.16 -9.41
C ASN A 276 -11.82 11.83 -8.54
N TYR A 277 -11.38 12.41 -7.44
CA TYR A 277 -12.31 13.10 -6.56
C TYR A 277 -12.58 14.49 -7.09
N GLN A 278 -13.86 14.83 -7.27
CA GLN A 278 -14.25 16.18 -7.68
C GLN A 278 -14.86 16.87 -6.47
N ALA A 279 -14.12 17.84 -5.90
CA ALA A 279 -14.57 18.54 -4.70
C ALA A 279 -15.88 19.26 -4.96
#